data_4F2G
#
_entry.id   4F2G
#
_cell.length_a   141.250
_cell.length_b   141.250
_cell.length_c   141.250
_cell.angle_alpha   90.000
_cell.angle_beta   90.000
_cell.angle_gamma   90.000
#
_symmetry.space_group_name_H-M   'P 41 3 2'
#
loop_
_entity.id
_entity.type
_entity.pdbx_description
1 polymer 'Ornithine carbamoyltransferase 1'
2 non-polymer 1,2-ETHANEDIOL
3 non-polymer 'PHOSPHATE ION'
4 water water
#
_entity_poly.entity_id   1
_entity_poly.type   'polypeptide(L)'
_entity_poly.pdbx_seq_one_letter_code
;MTAKTIRHYLQFKDFSLEDYEYVLERTGILKRKFKNYETYHPLHDRTLAMIFEKSSTRTRLSFEAGIFQLGGHAVFMSTR
DTQLGRGEPVEDSAQVISRMVDIIMIRTFEQDIIQRFAENSRVPVINGLTNEYHPCQVLADIFTYYEHRGPIRGKTVAWV
GDANNMLYTWIQAARILDFKLQLSTPPGYALDAKLVDAESAPFYQVFDDPNEACKGADLVTTDVWTSMGFEAENEARKRA
FADWCVDEEMMSHANSDALFMHCLPAHRGEEVTAGVIDGPQSVVWDEAENRLHVQKALMEFLLLGRLNH
;
_entity_poly.pdbx_strand_id   A
#
loop_
_chem_comp.id
_chem_comp.type
_chem_comp.name
_chem_comp.formula
EDO non-polymer 1,2-ETHANEDIOL 'C2 H6 O2'
PO4 non-polymer 'PHOSPHATE ION' 'O4 P -3'
#
# COMPACT_ATOMS: atom_id res chain seq x y z
N ILE A 6 13.19 18.11 0.04
CA ILE A 6 12.68 16.96 0.79
C ILE A 6 11.57 16.30 0.02
N ARG A 7 11.72 15.05 -0.37
CA ARG A 7 10.60 14.36 -0.96
C ARG A 7 9.89 13.54 0.11
N HIS A 8 8.58 13.40 -0.03
CA HIS A 8 7.81 12.57 0.89
C HIS A 8 7.12 11.45 0.13
N TYR A 9 6.54 10.50 0.86
CA TYR A 9 5.77 9.43 0.27
C TYR A 9 4.42 9.34 0.98
N LEU A 10 3.52 10.25 0.63
CA LEU A 10 2.24 10.40 1.33
C LEU A 10 1.07 9.80 0.55
N GLN A 11 1.17 9.88 -0.78
CA GLN A 11 0.18 9.32 -1.69
C GLN A 11 0.90 8.56 -2.79
N PHE A 12 0.25 7.57 -3.37
CA PHE A 12 0.87 6.85 -4.45
C PHE A 12 1.33 7.81 -5.57
N LYS A 13 0.53 8.85 -5.84
CA LYS A 13 0.83 9.76 -6.93
C LYS A 13 1.97 10.74 -6.64
N ASP A 14 2.61 10.64 -5.48
CA ASP A 14 3.79 11.45 -5.18
C ASP A 14 4.99 11.03 -6.03
N PHE A 15 4.99 9.79 -6.52
CA PHE A 15 6.09 9.30 -7.36
C PHE A 15 5.68 9.24 -8.84
N SER A 16 6.62 9.51 -9.74
CA SER A 16 6.35 9.45 -11.16
C SER A 16 6.52 8.02 -11.65
N LEU A 17 6.14 7.78 -12.90
CA LEU A 17 6.39 6.48 -13.52
C LEU A 17 7.87 6.12 -13.42
N GLU A 18 8.73 7.08 -13.74
CA GLU A 18 10.18 6.88 -13.65
C GLU A 18 10.60 6.48 -12.23
N ASP A 19 10.07 7.18 -11.22
CA ASP A 19 10.37 6.85 -9.82
C ASP A 19 10.05 5.39 -9.51
N TYR A 20 8.84 4.97 -9.90
CA TYR A 20 8.39 3.59 -9.67
C TYR A 20 9.21 2.54 -10.42
N GLU A 21 9.61 2.83 -11.65
CA GLU A 21 10.46 1.89 -12.39
C GLU A 21 11.74 1.64 -11.62
N TYR A 22 12.33 2.73 -11.10
CA TYR A 22 13.53 2.62 -10.28
C TYR A 22 13.29 1.86 -8.97
N VAL A 23 12.26 2.26 -8.22
CA VAL A 23 12.01 1.67 -6.91
C VAL A 23 11.68 0.19 -6.99
N LEU A 24 10.93 -0.20 -7.98
CA LEU A 24 10.57 -1.58 -8.19
C LEU A 24 11.79 -2.43 -8.53
N GLU A 25 12.69 -1.87 -9.30
CA GLU A 25 13.91 -2.57 -9.62
C GLU A 25 14.83 -2.69 -8.40
N ARG A 26 14.96 -1.61 -7.63
CA ARG A 26 15.69 -1.65 -6.35
C ARG A 26 15.09 -2.69 -5.40
N THR A 27 13.76 -2.77 -5.38
CA THR A 27 13.09 -3.73 -4.49
C THR A 27 13.58 -5.15 -4.78
N GLY A 28 13.64 -5.50 -6.05
CA GLY A 28 14.09 -6.82 -6.45
C GLY A 28 15.56 -7.02 -6.12
N ILE A 29 16.37 -6.00 -6.35
CA ILE A 29 17.79 -6.06 -6.02
C ILE A 29 18.03 -6.24 -4.50
N LEU A 30 17.35 -5.45 -3.68
CA LEU A 30 17.54 -5.53 -2.25
C LEU A 30 16.99 -6.84 -1.68
N LYS A 31 15.93 -7.36 -2.30
CA LYS A 31 15.35 -8.63 -1.87
C LYS A 31 16.36 -9.76 -2.14
N ARG A 32 17.05 -9.68 -3.27
CA ARG A 32 18.08 -10.66 -3.62
C ARG A 32 19.26 -10.62 -2.63
N LYS A 33 19.64 -9.41 -2.22
CA LYS A 33 20.67 -9.23 -1.19
C LYS A 33 20.19 -9.82 0.14
N PHE A 34 18.93 -9.57 0.47
CA PHE A 34 18.28 -10.19 1.63
C PHE A 34 18.38 -11.72 1.52
N LYS A 35 17.97 -12.28 0.39
CA LYS A 35 17.98 -13.75 0.26
C LYS A 35 19.39 -14.31 0.13
N ASN A 36 20.37 -13.48 -0.23
CA ASN A 36 21.77 -13.92 -0.30
C ASN A 36 22.58 -13.68 1.00
N TYR A 37 21.93 -13.17 2.05
CA TYR A 37 22.60 -12.87 3.31
C TYR A 37 23.83 -12.00 3.04
N GLU A 38 23.66 -11.05 2.13
CA GLU A 38 24.71 -10.11 1.79
C GLU A 38 24.56 -8.90 2.71
N THR A 39 25.66 -8.45 3.32
CA THR A 39 25.61 -7.30 4.20
C THR A 39 25.60 -5.99 3.41
N TYR A 40 24.50 -5.26 3.52
CA TYR A 40 24.34 -3.98 2.83
C TYR A 40 23.72 -2.98 3.79
N HIS A 41 24.49 -1.98 4.19
CA HIS A 41 24.04 -1.02 5.20
C HIS A 41 24.15 0.43 4.77
N PRO A 42 23.45 0.83 3.74
CA PRO A 42 23.50 2.20 3.30
C PRO A 42 22.92 3.17 4.27
N LEU A 43 22.08 2.68 5.16
CA LEU A 43 21.45 3.55 6.14
C LEU A 43 22.07 3.45 7.52
N HIS A 44 23.34 3.01 7.58
CA HIS A 44 24.04 2.93 8.84
C HIS A 44 23.90 4.25 9.62
N ASP A 45 23.65 4.15 10.92
CA ASP A 45 23.53 5.31 11.79
C ASP A 45 22.32 6.20 11.52
N ARG A 46 21.42 5.78 10.68
CA ARG A 46 20.22 6.49 10.41
C ARG A 46 19.01 6.00 11.25
N THR A 47 18.15 6.91 11.62
CA THR A 47 17.02 6.58 12.49
C THR A 47 15.67 6.86 11.79
N LEU A 48 14.73 5.94 11.93
CA LEU A 48 13.36 6.12 11.48
C LEU A 48 12.44 6.26 12.70
N ALA A 49 11.68 7.35 12.75
CA ALA A 49 10.65 7.46 13.78
C ALA A 49 9.37 6.82 13.25
N MET A 50 8.88 5.79 13.92
CA MET A 50 7.62 5.17 13.54
C MET A 50 6.52 5.69 14.46
N ILE A 51 5.68 6.56 13.92
CA ILE A 51 4.59 7.15 14.70
C ILE A 51 3.30 6.40 14.40
N PHE A 52 2.90 5.54 15.34
CA PHE A 52 1.68 4.74 15.18
C PHE A 52 0.53 5.32 15.98
N GLU A 53 -0.51 5.75 15.29
CA GLU A 53 -1.73 6.20 15.97
C GLU A 53 -2.86 5.21 15.68
N LYS A 54 -2.65 4.38 14.69
CA LYS A 54 -3.39 3.15 14.48
C LYS A 54 -2.46 1.92 14.51
N SER A 55 -2.77 0.97 15.33
CA SER A 55 -1.88 -0.13 15.63
C SER A 55 -1.73 -1.17 14.51
N SER A 56 -0.53 -1.64 14.25
CA SER A 56 -0.32 -2.83 13.41
C SER A 56 0.97 -3.51 13.71
N THR A 57 0.96 -4.69 14.30
CA THR A 57 2.29 -5.26 14.47
C THR A 57 2.97 -5.53 13.12
N ARG A 58 2.18 -6.05 12.18
CA ARG A 58 2.64 -6.40 10.84
C ARG A 58 3.49 -5.28 10.26
N THR A 59 2.97 -4.06 10.32
CA THR A 59 3.63 -2.91 9.71
C THR A 59 4.77 -2.39 10.58
N ARG A 60 4.67 -2.59 11.89
CA ARG A 60 5.80 -2.31 12.76
C ARG A 60 6.98 -3.23 12.40
N LEU A 61 6.70 -4.53 12.35
CA LEU A 61 7.68 -5.50 11.88
C LEU A 61 8.30 -5.14 10.52
N SER A 62 7.47 -4.92 9.50
CA SER A 62 8.01 -4.66 8.16
C SER A 62 8.94 -3.44 8.09
N PHE A 63 8.54 -2.31 8.68
CA PHE A 63 9.41 -1.13 8.72
C PHE A 63 10.63 -1.33 9.63
N GLU A 64 10.39 -1.91 10.81
CA GLU A 64 11.46 -2.05 11.79
C GLU A 64 12.56 -3.02 11.34
N ALA A 65 12.18 -4.21 10.87
CA ALA A 65 13.14 -5.17 10.37
C ALA A 65 13.83 -4.64 9.09
N GLY A 66 13.07 -3.90 8.29
CA GLY A 66 13.59 -3.36 7.06
C GLY A 66 14.72 -2.37 7.24
N ILE A 67 14.57 -1.42 8.15
CA ILE A 67 15.64 -0.43 8.30
C ILE A 67 16.84 -1.04 9.04
N PHE A 68 16.58 -1.98 9.93
CA PHE A 68 17.64 -2.75 10.57
C PHE A 68 18.53 -3.42 9.53
N GLN A 69 17.89 -4.11 8.58
CA GLN A 69 18.60 -4.80 7.50
C GLN A 69 19.37 -3.83 6.63
N LEU A 70 19.01 -2.55 6.66
CA LEU A 70 19.74 -1.52 5.91
C LEU A 70 20.77 -0.80 6.78
N GLY A 71 20.91 -1.24 8.03
CA GLY A 71 21.93 -0.69 8.92
C GLY A 71 21.44 0.41 9.87
N GLY A 72 20.15 0.73 9.81
CA GLY A 72 19.61 1.79 10.63
C GLY A 72 18.78 1.28 11.79
N HIS A 73 17.98 2.14 12.39
CA HIS A 73 17.22 1.80 13.58
C HIS A 73 15.87 2.52 13.60
N ALA A 74 14.80 1.77 13.91
CA ALA A 74 13.46 2.35 14.00
C ALA A 74 13.05 2.58 15.44
N VAL A 75 12.48 3.74 15.74
CA VAL A 75 11.99 4.02 17.09
C VAL A 75 10.46 3.99 17.09
N PHE A 76 9.88 3.13 17.93
CA PHE A 76 8.40 2.97 17.98
C PHE A 76 7.75 4.03 18.86
N MET A 77 6.93 4.89 18.26
CA MET A 77 6.32 6.00 18.99
C MET A 77 4.79 5.94 18.95
N SER A 78 4.22 5.53 20.07
CA SER A 78 2.79 5.34 20.18
C SER A 78 2.34 5.81 21.56
N THR A 79 1.30 6.61 21.61
CA THR A 79 0.74 7.09 22.87
C THR A 79 -0.71 6.66 22.98
N ARG A 80 -1.14 6.44 24.21
CA ARG A 80 -2.47 5.91 24.43
C ARG A 80 -3.50 7.02 24.36
N ASP A 81 -3.22 8.15 25.01
CA ASP A 81 -4.27 9.11 25.30
C ASP A 81 -4.33 10.38 24.43
N THR A 82 -3.33 10.59 23.57
CA THR A 82 -3.36 11.73 22.67
C THR A 82 -2.96 11.32 21.25
N GLN A 83 -3.06 12.26 20.31
CA GLN A 83 -2.63 12.02 18.94
C GLN A 83 -2.29 13.34 18.29
N LEU A 84 -1.63 13.28 17.14
CA LEU A 84 -1.34 14.47 16.37
C LEU A 84 -2.63 15.22 16.03
N GLY A 85 -2.64 16.51 16.34
CA GLY A 85 -3.75 17.39 16.02
C GLY A 85 -4.77 17.38 17.13
N ARG A 86 -4.61 16.39 17.99
CA ARG A 86 -5.25 16.36 19.29
C ARG A 86 -4.45 16.00 20.54
N GLY A 87 -4.14 17.02 21.33
CA GLY A 87 -3.43 16.82 22.58
C GLY A 87 -1.94 16.76 22.33
N GLU A 88 -1.59 16.66 21.05
CA GLU A 88 -0.23 16.88 20.59
C GLU A 88 -0.31 17.87 19.44
N PRO A 89 0.45 18.95 19.50
CA PRO A 89 0.49 19.90 18.39
C PRO A 89 1.23 19.38 17.17
N VAL A 90 0.62 19.42 15.99
CA VAL A 90 1.24 18.79 14.83
C VAL A 90 2.65 19.34 14.57
N GLU A 91 2.77 20.66 14.46
CA GLU A 91 4.07 21.27 14.16
C GLU A 91 5.13 20.99 15.24
N ASP A 92 4.76 21.09 16.50
CA ASP A 92 5.72 20.80 17.58
C ASP A 92 6.35 19.41 17.42
N SER A 93 5.55 18.42 17.06
CA SER A 93 6.05 17.08 16.91
C SER A 93 6.92 16.98 15.68
N ALA A 94 6.44 17.53 14.56
CA ALA A 94 7.19 17.53 13.32
C ALA A 94 8.56 18.22 13.43
N GLN A 95 8.59 19.42 14.00
CA GLN A 95 9.84 20.18 14.16
C GLN A 95 10.88 19.47 15.02
N VAL A 96 10.42 18.91 16.14
CA VAL A 96 11.32 18.27 17.08
C VAL A 96 11.78 16.90 16.57
N ILE A 97 10.84 16.06 16.18
CA ILE A 97 11.18 14.71 15.74
C ILE A 97 12.11 14.73 14.52
N SER A 98 11.82 15.58 13.55
CA SER A 98 12.65 15.66 12.34
C SER A 98 14.03 16.29 12.60
N ARG A 99 14.21 16.86 13.79
CA ARG A 99 15.52 17.36 14.20
C ARG A 99 16.37 16.23 14.75
N MET A 100 15.73 15.14 15.15
CA MET A 100 16.45 14.03 15.80
C MET A 100 16.69 12.82 14.89
N VAL A 101 15.77 12.58 13.95
CA VAL A 101 15.84 11.40 13.11
C VAL A 101 16.04 11.75 11.64
N ASP A 102 16.17 10.73 10.80
CA ASP A 102 16.48 10.93 9.39
C ASP A 102 15.30 10.70 8.47
N ILE A 103 14.29 10.00 8.98
CA ILE A 103 13.14 9.68 8.18
C ILE A 103 12.03 9.32 9.14
N ILE A 104 10.78 9.56 8.70
CA ILE A 104 9.63 9.40 9.57
C ILE A 104 8.54 8.62 8.85
N MET A 105 7.90 7.71 9.57
CA MET A 105 6.73 7.01 9.05
C MET A 105 5.57 7.29 10.00
N ILE A 106 4.41 7.64 9.44
CA ILE A 106 3.22 7.85 10.25
C ILE A 106 2.09 6.95 9.76
N ARG A 107 1.48 6.22 10.69
CA ARG A 107 0.26 5.47 10.42
C ARG A 107 -0.85 6.11 11.27
N THR A 108 -1.83 6.72 10.61
CA THR A 108 -2.83 7.49 11.32
C THR A 108 -4.20 7.49 10.63
N PHE A 109 -5.11 8.33 11.10
CA PHE A 109 -6.46 8.36 10.57
C PHE A 109 -6.61 9.25 9.33
N GLU A 110 -6.11 10.48 9.42
CA GLU A 110 -6.42 11.46 8.38
C GLU A 110 -5.21 11.92 7.58
N GLN A 111 -5.39 11.94 6.26
CA GLN A 111 -4.38 12.41 5.33
C GLN A 111 -3.99 13.86 5.61
N ASP A 112 -4.97 14.68 5.98
CA ASP A 112 -4.70 16.09 6.28
C ASP A 112 -3.65 16.24 7.38
N ILE A 113 -3.66 15.31 8.32
CA ILE A 113 -2.76 15.36 9.47
C ILE A 113 -1.34 15.00 9.07
N ILE A 114 -1.18 13.94 8.29
CA ILE A 114 0.16 13.53 7.88
CA ILE A 114 0.15 13.54 7.88
C ILE A 114 0.74 14.56 6.91
N GLN A 115 -0.14 15.19 6.13
CA GLN A 115 0.27 16.21 5.19
C GLN A 115 0.76 17.46 5.92
N ARG A 116 -0.01 17.91 6.91
CA ARG A 116 0.38 19.06 7.72
C ARG A 116 1.71 18.77 8.45
N PHE A 117 1.83 17.56 9.02
CA PHE A 117 3.07 17.14 9.65
C PHE A 117 4.25 17.26 8.67
N ALA A 118 4.09 16.64 7.50
CA ALA A 118 5.12 16.65 6.46
C ALA A 118 5.56 18.08 6.12
N GLU A 119 4.60 18.99 6.05
CA GLU A 119 4.90 20.38 5.68
C GLU A 119 5.89 21.02 6.65
N ASN A 120 5.94 20.52 7.88
CA ASN A 120 6.84 21.07 8.89
C ASN A 120 7.95 20.12 9.29
N SER A 121 8.22 19.14 8.44
CA SER A 121 9.25 18.15 8.74
C SER A 121 10.51 18.42 7.94
N ARG A 122 11.66 18.34 8.62
CA ARG A 122 12.96 18.51 7.99
C ARG A 122 13.40 17.28 7.22
N VAL A 123 12.69 16.18 7.42
CA VAL A 123 13.09 14.90 6.81
C VAL A 123 11.89 14.25 6.10
N PRO A 124 12.17 13.29 5.21
CA PRO A 124 11.10 12.62 4.47
C PRO A 124 10.05 11.93 5.38
N VAL A 125 8.78 12.06 5.01
CA VAL A 125 7.68 11.40 5.71
C VAL A 125 7.00 10.36 4.81
N ILE A 126 6.85 9.13 5.34
CA ILE A 126 6.20 8.03 4.64
C ILE A 126 4.83 7.76 5.25
N ASN A 127 3.81 7.65 4.41
CA ASN A 127 2.47 7.26 4.85
C ASN A 127 2.37 5.74 5.03
N GLY A 128 2.31 5.29 6.29
CA GLY A 128 2.18 3.89 6.63
C GLY A 128 0.73 3.39 6.64
N LEU A 129 -0.19 4.32 6.37
CA LEU A 129 -1.63 4.08 6.18
C LEU A 129 -2.45 5.22 6.77
N THR A 130 -3.38 5.76 5.98
CA THR A 130 -4.41 6.64 6.49
C THR A 130 -5.78 6.13 6.04
N ASN A 131 -6.85 6.77 6.49
CA ASN A 131 -8.19 6.41 6.02
C ASN A 131 -8.32 6.62 4.52
N GLU A 132 -7.51 7.49 3.94
CA GLU A 132 -7.67 7.88 2.54
C GLU A 132 -6.78 7.09 1.56
N TYR A 133 -5.58 6.71 2.00
CA TYR A 133 -4.62 6.06 1.11
C TYR A 133 -3.75 5.06 1.83
N HIS A 134 -3.26 4.06 1.09
CA HIS A 134 -2.33 3.09 1.62
C HIS A 134 -1.34 2.75 0.55
N PRO A 135 -0.47 3.70 0.24
CA PRO A 135 0.44 3.55 -0.90
C PRO A 135 1.47 2.43 -0.75
N CYS A 136 1.96 2.19 0.46
CA CYS A 136 2.94 1.13 0.66
C CYS A 136 2.42 -0.27 0.32
N GLN A 137 1.14 -0.49 0.54
CA GLN A 137 0.55 -1.81 0.26
C GLN A 137 0.30 -2.01 -1.23
N VAL A 138 -0.23 -0.99 -1.91
CA VAL A 138 -0.43 -1.09 -3.36
C VAL A 138 0.90 -1.27 -4.05
N LEU A 139 1.94 -0.62 -3.53
CA LEU A 139 3.30 -0.79 -4.04
C LEU A 139 3.75 -2.24 -3.90
N ALA A 140 3.55 -2.82 -2.71
CA ALA A 140 3.91 -4.21 -2.45
C ALA A 140 3.09 -5.15 -3.34
N ASP A 141 1.82 -4.81 -3.53
CA ASP A 141 0.91 -5.57 -4.37
C ASP A 141 1.42 -5.61 -5.80
N ILE A 142 1.85 -4.46 -6.29
CA ILE A 142 2.33 -4.36 -7.65
C ILE A 142 3.69 -5.05 -7.80
N PHE A 143 4.56 -4.94 -6.82
CA PHE A 143 5.81 -5.69 -6.84
C PHE A 143 5.55 -7.18 -6.88
N THR A 144 4.63 -7.62 -6.06
CA THR A 144 4.27 -9.04 -6.01
C THR A 144 3.79 -9.51 -7.39
N TYR A 145 3.00 -8.68 -8.07
CA TYR A 145 2.55 -9.00 -9.42
C TYR A 145 3.73 -9.16 -10.39
N TYR A 146 4.65 -8.20 -10.39
CA TYR A 146 5.85 -8.29 -11.23
C TYR A 146 6.56 -9.61 -11.02
N GLU A 147 6.78 -9.96 -9.75
CA GLU A 147 7.49 -11.19 -9.40
C GLU A 147 6.85 -12.43 -9.98
N HIS A 148 5.52 -12.48 -9.92
CA HIS A 148 4.81 -13.67 -10.34
C HIS A 148 4.40 -13.65 -11.81
N ARG A 149 4.18 -12.46 -12.37
CA ARG A 149 3.54 -12.38 -13.68
C ARG A 149 4.19 -11.40 -14.66
N GLY A 150 5.23 -10.71 -14.23
CA GLY A 150 5.88 -9.72 -15.07
C GLY A 150 5.24 -8.35 -14.93
N PRO A 151 5.72 -7.38 -15.71
CA PRO A 151 5.26 -5.99 -15.60
C PRO A 151 3.74 -5.87 -15.72
N ILE A 152 3.16 -4.96 -14.93
CA ILE A 152 1.71 -4.83 -14.81
C ILE A 152 1.10 -3.99 -15.93
N ARG A 153 1.93 -3.24 -16.63
CA ARG A 153 1.46 -2.35 -17.69
C ARG A 153 0.49 -3.02 -18.67
N GLY A 154 -0.69 -2.42 -18.83
CA GLY A 154 -1.69 -2.90 -19.75
C GLY A 154 -2.50 -4.07 -19.21
N LYS A 155 -2.13 -4.55 -18.03
CA LYS A 155 -2.82 -5.65 -17.40
C LYS A 155 -4.11 -5.16 -16.78
N THR A 156 -4.97 -6.08 -16.37
CA THR A 156 -6.27 -5.72 -15.81
C THR A 156 -6.38 -6.15 -14.34
N VAL A 157 -6.61 -5.16 -13.47
CA VAL A 157 -6.76 -5.39 -12.04
C VAL A 157 -8.23 -5.16 -11.70
N ALA A 158 -8.84 -6.14 -11.02
CA ALA A 158 -10.23 -6.04 -10.60
C ALA A 158 -10.31 -5.77 -9.10
N TRP A 159 -11.08 -4.76 -8.73
CA TRP A 159 -11.33 -4.48 -7.34
C TRP A 159 -12.77 -4.77 -7.03
N VAL A 160 -12.99 -5.63 -6.04
CA VAL A 160 -14.33 -5.98 -5.61
C VAL A 160 -14.43 -5.68 -4.13
N GLY A 161 -15.39 -4.84 -3.77
CA GLY A 161 -15.63 -4.54 -2.38
C GLY A 161 -15.92 -3.08 -2.10
N ASP A 162 -15.67 -2.70 -0.86
CA ASP A 162 -15.92 -1.36 -0.35
C ASP A 162 -14.94 -0.35 -0.98
N ALA A 163 -15.39 0.89 -1.18
CA ALA A 163 -14.50 1.94 -1.64
C ALA A 163 -13.77 2.53 -0.45
N ASN A 164 -12.55 2.05 -0.27
CA ASN A 164 -11.71 2.33 0.90
C ASN A 164 -10.28 2.68 0.48
N ASN A 165 -9.40 2.94 1.43
CA ASN A 165 -8.15 3.59 1.11
C ASN A 165 -7.42 2.80 0.03
N MET A 166 -7.53 1.48 0.09
CA MET A 166 -6.88 0.63 -0.91
C MET A 166 -7.38 0.95 -2.34
N LEU A 167 -8.69 1.06 -2.51
CA LEU A 167 -9.25 1.38 -3.82
C LEU A 167 -8.78 2.74 -4.37
N TYR A 168 -8.81 3.79 -3.55
CA TYR A 168 -8.42 5.12 -4.02
C TYR A 168 -6.95 5.13 -4.41
N THR A 169 -6.17 4.28 -3.75
CA THR A 169 -4.75 4.16 -4.03
C THR A 169 -4.52 3.42 -5.35
N TRP A 170 -5.34 2.39 -5.58
CA TRP A 170 -5.28 1.62 -6.81
C TRP A 170 -5.57 2.51 -7.99
N ILE A 171 -6.53 3.42 -7.82
CA ILE A 171 -6.92 4.31 -8.90
C ILE A 171 -5.73 5.19 -9.29
N GLN A 172 -5.01 5.70 -8.30
CA GLN A 172 -3.85 6.53 -8.57
C GLN A 172 -2.78 5.72 -9.30
N ALA A 173 -2.60 4.48 -8.86
CA ALA A 173 -1.60 3.58 -9.46
C ALA A 173 -1.91 3.28 -10.93
N ALA A 174 -3.18 3.01 -11.22
CA ALA A 174 -3.62 2.72 -12.57
C ALA A 174 -3.24 3.83 -13.57
N ARG A 175 -3.46 5.06 -13.20
CA ARG A 175 -3.06 6.16 -14.00
C ARG A 175 -1.54 6.22 -14.24
N ILE A 176 -0.79 6.08 -13.19
CA ILE A 176 0.66 6.27 -13.26
C ILE A 176 1.36 5.11 -13.98
N LEU A 177 0.95 3.89 -13.69
CA LEU A 177 1.60 2.71 -14.27
C LEU A 177 0.85 2.20 -15.50
N ASP A 178 -0.21 2.90 -15.87
CA ASP A 178 -0.95 2.63 -17.10
C ASP A 178 -1.44 1.19 -17.23
N PHE A 179 -2.24 0.78 -16.27
CA PHE A 179 -2.96 -0.48 -16.37
C PHE A 179 -4.45 -0.20 -16.22
N LYS A 180 -5.27 -1.18 -16.42
CA LYS A 180 -6.69 -0.99 -16.38
C LYS A 180 -7.30 -1.44 -15.09
N LEU A 181 -7.98 -0.56 -14.43
CA LEU A 181 -8.65 -0.94 -13.20
C LEU A 181 -10.15 -1.12 -13.46
N GLN A 182 -10.68 -2.24 -12.99
CA GLN A 182 -12.10 -2.52 -13.09
C GLN A 182 -12.62 -2.78 -11.70
N LEU A 183 -13.53 -1.92 -11.23
CA LEU A 183 -13.98 -1.96 -9.84
C LEU A 183 -15.50 -2.11 -9.71
N SER A 184 -15.94 -2.76 -8.63
CA SER A 184 -17.36 -2.89 -8.34
C SER A 184 -17.53 -2.83 -6.83
N THR A 185 -18.46 -2.00 -6.38
CA THR A 185 -18.78 -1.86 -4.96
C THR A 185 -20.28 -2.04 -4.72
N PRO A 186 -20.68 -2.37 -3.48
CA PRO A 186 -22.11 -2.40 -3.19
C PRO A 186 -22.67 -1.00 -3.41
N PRO A 187 -23.94 -0.89 -3.84
CA PRO A 187 -24.51 0.40 -4.27
C PRO A 187 -24.27 1.56 -3.29
N GLY A 188 -24.31 1.38 -2.00
CA GLY A 188 -24.08 2.52 -1.14
C GLY A 188 -22.67 2.83 -0.69
N TYR A 189 -21.69 2.06 -1.15
CA TYR A 189 -20.31 2.19 -0.76
C TYR A 189 -19.41 2.45 -1.94
N ALA A 190 -19.90 3.26 -2.85
CA ALA A 190 -19.22 3.64 -4.05
C ALA A 190 -18.14 4.71 -3.90
N LEU A 191 -17.39 4.99 -4.95
CA LEU A 191 -16.37 6.05 -4.93
C LEU A 191 -16.96 7.39 -4.56
N ASP A 192 -16.24 8.13 -3.73
CA ASP A 192 -16.58 9.51 -3.44
C ASP A 192 -15.99 10.36 -4.54
N ALA A 193 -16.80 10.73 -5.53
CA ALA A 193 -16.30 11.44 -6.71
C ALA A 193 -15.51 12.70 -6.35
N LYS A 194 -15.67 13.20 -5.12
CA LYS A 194 -14.92 14.36 -4.65
C LYS A 194 -13.46 14.01 -4.29
N LEU A 195 -13.20 12.73 -4.04
CA LEU A 195 -11.87 12.29 -3.62
C LEU A 195 -11.09 11.59 -4.74
N VAL A 196 -11.62 11.69 -5.96
CA VAL A 196 -11.02 11.07 -7.14
C VAL A 196 -10.62 12.10 -8.19
N ASP A 197 -9.34 12.14 -8.54
CA ASP A 197 -8.85 13.05 -9.56
C ASP A 197 -9.56 12.76 -10.88
N ALA A 198 -10.15 13.78 -11.50
CA ALA A 198 -10.86 13.60 -12.76
C ALA A 198 -9.92 13.10 -13.86
N GLU A 199 -8.63 13.38 -13.71
CA GLU A 199 -7.61 12.95 -14.67
C GLU A 199 -7.41 11.43 -14.69
N SER A 200 -7.96 10.72 -13.71
CA SER A 200 -7.74 9.28 -13.64
C SER A 200 -8.91 8.48 -14.20
N ALA A 201 -9.97 9.19 -14.59
CA ALA A 201 -11.18 8.57 -15.14
C ALA A 201 -10.95 7.57 -16.30
N PRO A 202 -10.02 7.88 -17.21
CA PRO A 202 -9.70 7.00 -18.34
C PRO A 202 -9.06 5.66 -17.94
N PHE A 203 -8.62 5.55 -16.69
CA PHE A 203 -7.89 4.36 -16.25
C PHE A 203 -8.69 3.38 -15.42
N TYR A 204 -9.92 3.74 -15.06
CA TYR A 204 -10.78 2.80 -14.36
C TYR A 204 -12.19 2.74 -14.92
N GLN A 205 -12.87 1.63 -14.66
CA GLN A 205 -14.25 1.45 -15.06
C GLN A 205 -15.08 0.83 -13.93
N VAL A 206 -16.28 1.37 -13.73
CA VAL A 206 -17.14 0.90 -12.65
C VAL A 206 -18.18 -0.08 -13.20
N PHE A 207 -18.34 -1.20 -12.50
CA PHE A 207 -19.30 -2.24 -12.89
C PHE A 207 -20.34 -2.43 -11.78
N ASP A 208 -21.59 -2.60 -12.18
CA ASP A 208 -22.64 -2.88 -11.20
C ASP A 208 -22.51 -4.32 -10.69
N ASP A 209 -22.00 -5.20 -11.54
CA ASP A 209 -21.84 -6.61 -11.18
C ASP A 209 -20.34 -6.92 -11.01
N PRO A 210 -19.94 -7.32 -9.80
CA PRO A 210 -18.53 -7.60 -9.52
C PRO A 210 -17.99 -8.77 -10.37
N ASN A 211 -18.85 -9.74 -10.68
CA ASN A 211 -18.49 -10.82 -11.59
C ASN A 211 -18.10 -10.34 -12.98
N GLU A 212 -18.72 -9.26 -13.45
CA GLU A 212 -18.34 -8.65 -14.71
C GLU A 212 -17.01 -7.92 -14.57
N ALA A 213 -16.81 -7.26 -13.43
CA ALA A 213 -15.58 -6.55 -13.18
C ALA A 213 -14.39 -7.50 -13.20
N CYS A 214 -14.63 -8.76 -12.87
CA CYS A 214 -13.56 -9.76 -12.81
C CYS A 214 -13.29 -10.46 -14.15
N LYS A 215 -14.18 -10.27 -15.13
CA LYS A 215 -14.00 -10.91 -16.44
C LYS A 215 -12.73 -10.40 -17.10
N GLY A 216 -11.82 -11.31 -17.41
CA GLY A 216 -10.55 -10.93 -18.04
C GLY A 216 -9.56 -10.25 -17.10
N ALA A 217 -9.78 -10.35 -15.80
CA ALA A 217 -8.85 -9.78 -14.84
C ALA A 217 -7.56 -10.61 -14.70
N ASP A 218 -6.44 -9.94 -14.49
CA ASP A 218 -5.17 -10.60 -14.25
C ASP A 218 -4.86 -10.61 -12.77
N LEU A 219 -5.57 -9.74 -12.06
CA LEU A 219 -5.41 -9.61 -10.62
C LEU A 219 -6.78 -9.31 -10.06
N VAL A 220 -7.20 -10.09 -9.08
CA VAL A 220 -8.45 -9.84 -8.38
C VAL A 220 -8.08 -9.54 -6.95
N THR A 221 -8.68 -8.50 -6.38
CA THR A 221 -8.30 -8.08 -5.04
C THR A 221 -9.50 -7.49 -4.31
N THR A 222 -9.51 -7.65 -2.99
CA THR A 222 -10.55 -7.07 -2.13
C THR A 222 -9.92 -6.71 -0.78
N ASP A 223 -10.74 -6.24 0.16
CA ASP A 223 -10.28 -5.88 1.48
C ASP A 223 -11.43 -6.04 2.47
N VAL A 224 -11.16 -5.93 3.77
CA VAL A 224 -12.23 -6.05 4.75
C VAL A 224 -13.20 -4.87 4.61
N TRP A 225 -14.46 -5.11 4.97
CA TRP A 225 -15.48 -4.07 4.89
C TRP A 225 -15.39 -3.13 6.05
N LYS A 238 -22.87 -4.96 5.99
CA LYS A 238 -22.39 -6.33 5.86
C LYS A 238 -23.42 -7.23 5.17
N ARG A 239 -24.69 -7.03 5.52
CA ARG A 239 -25.78 -7.76 4.87
C ARG A 239 -25.89 -7.29 3.42
N ALA A 240 -25.27 -6.16 3.13
CA ALA A 240 -25.34 -5.53 1.82
C ALA A 240 -24.20 -5.96 0.92
N PHE A 241 -23.06 -6.33 1.50
CA PHE A 241 -21.84 -6.66 0.78
C PHE A 241 -21.84 -8.08 0.26
N ALA A 242 -22.88 -8.80 0.54
CA ALA A 242 -22.95 -10.25 0.31
C ALA A 242 -22.65 -10.68 -1.13
N ASP A 243 -23.16 -9.92 -2.10
CA ASP A 243 -22.88 -10.25 -3.50
C ASP A 243 -21.46 -9.85 -3.89
N TRP A 244 -20.77 -9.15 -3.00
CA TRP A 244 -19.41 -8.69 -3.29
C TRP A 244 -18.35 -9.51 -2.59
N CYS A 245 -18.72 -10.70 -2.15
CA CYS A 245 -17.81 -11.66 -1.63
C CYS A 245 -17.03 -12.32 -2.75
N VAL A 246 -15.71 -12.25 -2.69
CA VAL A 246 -14.92 -12.91 -3.69
C VAL A 246 -14.88 -14.41 -3.39
N ASP A 247 -15.64 -15.18 -4.17
CA ASP A 247 -15.64 -16.62 -4.05
C ASP A 247 -15.01 -17.25 -5.29
N GLU A 248 -14.97 -18.58 -5.32
CA GLU A 248 -14.37 -19.30 -6.43
C GLU A 248 -15.11 -19.15 -7.76
N GLU A 249 -16.43 -18.98 -7.74
CA GLU A 249 -17.15 -18.71 -8.99
CA GLU A 249 -17.17 -18.69 -8.97
C GLU A 249 -16.75 -17.34 -9.53
N MET A 250 -16.60 -16.36 -8.66
CA MET A 250 -16.18 -15.04 -9.09
C MET A 250 -14.78 -15.15 -9.71
N MET A 251 -13.86 -15.82 -9.02
CA MET A 251 -12.50 -16.00 -9.52
C MET A 251 -12.46 -16.70 -10.89
N SER A 252 -13.44 -17.55 -11.16
CA SER A 252 -13.46 -18.31 -12.41
C SER A 252 -13.70 -17.41 -13.62
N HIS A 253 -14.18 -16.19 -13.37
CA HIS A 253 -14.44 -15.23 -14.44
C HIS A 253 -13.15 -14.55 -14.91
N ALA A 254 -12.14 -14.55 -14.05
CA ALA A 254 -10.86 -13.91 -14.36
C ALA A 254 -10.03 -14.83 -15.24
N ASN A 255 -8.93 -14.32 -15.77
CA ASN A 255 -8.01 -15.17 -16.54
C ASN A 255 -7.52 -16.35 -15.69
N SER A 256 -7.24 -17.48 -16.35
CA SER A 256 -6.94 -18.73 -15.64
C SER A 256 -5.78 -18.57 -14.67
N ASP A 257 -4.80 -17.75 -15.05
CA ASP A 257 -3.62 -17.57 -14.22
C ASP A 257 -3.68 -16.28 -13.41
N ALA A 258 -4.87 -15.76 -13.18
CA ALA A 258 -5.03 -14.55 -12.39
C ALA A 258 -4.49 -14.78 -10.98
N LEU A 259 -3.97 -13.71 -10.38
CA LEU A 259 -3.54 -13.76 -8.99
C LEU A 259 -4.63 -13.19 -8.11
N PHE A 260 -4.73 -13.69 -6.88
CA PHE A 260 -5.61 -13.08 -5.90
C PHE A 260 -4.80 -12.43 -4.81
N MET A 261 -5.05 -11.15 -4.55
CA MET A 261 -4.29 -10.44 -3.53
C MET A 261 -5.31 -10.00 -2.49
N HIS A 262 -4.88 -9.97 -1.23
CA HIS A 262 -5.64 -9.34 -0.18
C HIS A 262 -4.76 -8.70 0.84
N CYS A 263 -4.93 -7.41 1.07
CA CYS A 263 -4.16 -6.76 2.11
C CYS A 263 -4.58 -7.16 3.52
N LEU A 264 -3.64 -7.63 4.34
CA LEU A 264 -4.00 -8.30 5.59
C LEU A 264 -4.30 -7.27 6.66
N PRO A 265 -5.20 -7.61 7.62
CA PRO A 265 -5.87 -8.90 7.82
C PRO A 265 -7.05 -9.18 6.89
N ALA A 266 -7.46 -10.45 6.87
CA ALA A 266 -8.57 -10.89 6.05
C ALA A 266 -9.60 -11.60 6.91
N HIS A 267 -10.86 -11.40 6.58
CA HIS A 267 -11.92 -12.12 7.21
C HIS A 267 -12.61 -13.11 6.35
N ARG A 268 -12.22 -14.37 6.50
CA ARG A 268 -12.71 -15.44 5.66
C ARG A 268 -14.21 -15.63 5.93
N GLY A 269 -14.98 -15.69 4.85
CA GLY A 269 -16.43 -15.73 4.94
C GLY A 269 -17.13 -14.37 4.92
N GLU A 270 -16.35 -13.30 4.73
CA GLU A 270 -16.90 -11.95 4.58
C GLU A 270 -16.63 -11.34 3.18
N GLU A 271 -15.50 -10.66 3.01
CA GLU A 271 -15.08 -10.18 1.70
C GLU A 271 -14.63 -11.29 0.75
N VAL A 272 -14.16 -12.38 1.33
CA VAL A 272 -13.52 -13.46 0.60
C VAL A 272 -13.80 -14.83 1.24
N THR A 273 -13.86 -15.87 0.42
CA THR A 273 -13.96 -17.25 0.90
C THR A 273 -12.64 -17.89 1.28
N ALA A 274 -12.67 -18.86 2.18
CA ALA A 274 -11.48 -19.66 2.45
C ALA A 274 -10.95 -20.29 1.15
N GLY A 275 -11.88 -20.80 0.35
CA GLY A 275 -11.54 -21.41 -0.92
C GLY A 275 -10.66 -20.56 -1.82
N VAL A 276 -10.93 -19.25 -1.86
CA VAL A 276 -10.13 -18.35 -2.70
C VAL A 276 -8.81 -17.93 -2.03
N ILE A 277 -8.88 -17.37 -0.83
CA ILE A 277 -7.69 -16.83 -0.18
C ILE A 277 -6.69 -17.92 0.23
N ASP A 278 -7.21 -19.13 0.46
CA ASP A 278 -6.36 -20.27 0.77
C ASP A 278 -6.17 -21.16 -0.46
N GLY A 279 -6.63 -20.69 -1.61
CA GLY A 279 -6.58 -21.48 -2.83
C GLY A 279 -5.31 -21.22 -3.63
N PRO A 280 -5.18 -21.91 -4.77
CA PRO A 280 -3.97 -21.89 -5.60
C PRO A 280 -3.67 -20.56 -6.31
N GLN A 281 -4.62 -19.63 -6.36
CA GLN A 281 -4.39 -18.34 -7.01
C GLN A 281 -3.97 -17.25 -6.03
N SER A 282 -4.12 -17.52 -4.73
CA SER A 282 -3.83 -16.55 -3.68
C SER A 282 -2.33 -16.34 -3.45
N VAL A 283 -1.87 -15.09 -3.42
CA VAL A 283 -0.47 -14.80 -3.11
C VAL A 283 -0.36 -13.83 -1.94
N VAL A 284 -1.31 -13.89 -1.06
CA VAL A 284 -1.47 -12.99 0.05
C VAL A 284 -0.26 -13.00 1.03
N TRP A 285 0.37 -14.11 1.25
CA TRP A 285 1.52 -14.18 2.15
C TRP A 285 2.76 -13.52 1.55
N ASP A 286 3.06 -13.86 0.30
CA ASP A 286 4.12 -13.22 -0.45
C ASP A 286 3.90 -11.72 -0.52
N GLU A 287 2.65 -11.35 -0.76
CA GLU A 287 2.19 -9.95 -0.81
C GLU A 287 2.41 -9.19 0.51
N ALA A 288 2.10 -9.84 1.62
CA ALA A 288 2.40 -9.27 2.93
C ALA A 288 3.92 -9.20 3.15
N GLU A 289 4.64 -10.27 2.83
CA GLU A 289 6.09 -10.27 2.97
C GLU A 289 6.71 -9.09 2.23
N ASN A 290 6.19 -8.83 1.03
CA ASN A 290 6.78 -7.82 0.16
C ASN A 290 6.64 -6.37 0.62
N ARG A 291 5.83 -6.15 1.64
CA ARG A 291 5.85 -4.85 2.31
C ARG A 291 7.27 -4.55 2.82
N LEU A 292 7.91 -5.55 3.43
CA LEU A 292 9.27 -5.39 3.90
C LEU A 292 10.20 -4.89 2.80
N HIS A 293 10.09 -5.52 1.63
CA HIS A 293 11.06 -5.25 0.57
C HIS A 293 10.82 -3.94 -0.16
N VAL A 294 9.56 -3.60 -0.44
CA VAL A 294 9.31 -2.33 -1.11
C VAL A 294 9.60 -1.15 -0.19
N GLN A 295 9.32 -1.34 1.10
CA GLN A 295 9.54 -0.29 2.09
C GLN A 295 11.04 -0.02 2.31
N LYS A 296 11.86 -1.05 2.17
CA LYS A 296 13.30 -0.85 2.21
C LYS A 296 13.75 -0.04 0.99
N ALA A 297 13.22 -0.37 -0.18
CA ALA A 297 13.54 0.40 -1.40
C ALA A 297 13.07 1.84 -1.27
N LEU A 298 11.88 2.04 -0.70
CA LEU A 298 11.36 3.39 -0.41
C LEU A 298 12.31 4.21 0.44
N MET A 299 12.75 3.64 1.55
CA MET A 299 13.59 4.34 2.49
C MET A 299 14.95 4.66 1.88
N GLU A 300 15.51 3.68 1.18
CA GLU A 300 16.78 3.89 0.50
C GLU A 300 16.64 5.05 -0.49
N PHE A 301 15.56 5.02 -1.27
CA PHE A 301 15.32 6.01 -2.32
C PHE A 301 15.08 7.42 -1.76
N LEU A 302 14.25 7.51 -0.72
CA LEU A 302 13.97 8.81 -0.10
C LEU A 302 15.21 9.39 0.58
N LEU A 303 16.14 8.55 1.03
CA LEU A 303 17.32 9.04 1.74
C LEU A 303 18.55 9.19 0.84
N LEU A 304 18.73 8.28 -0.09
CA LEU A 304 19.87 8.33 -0.94
C LEU A 304 19.63 8.75 -2.38
N GLY A 305 18.39 8.74 -2.81
CA GLY A 305 18.06 9.00 -4.20
C GLY A 305 18.48 7.82 -5.05
N ARG A 306 18.62 8.04 -6.35
CA ARG A 306 19.08 6.99 -7.25
C ARG A 306 20.59 6.81 -7.17
N LEU A 307 21.02 5.58 -7.23
CA LEU A 307 22.43 5.27 -7.20
C LEU A 307 23.23 5.92 -8.34
C1 EDO B . 7.64 13.90 -4.02
O1 EDO B . 7.97 12.68 -3.39
C2 EDO B . 6.68 14.66 -3.20
O2 EDO B . 7.13 14.91 -1.91
P PO4 C . -1.34 -3.51 7.29
O1 PO4 C . -0.86 -2.33 6.48
O2 PO4 C . -1.38 -4.74 6.42
O3 PO4 C . -0.40 -3.75 8.45
O4 PO4 C . -2.73 -3.22 7.82
P PO4 D . 6.81 -1.03 22.69
O1 PO4 D . 6.53 0.24 23.10
O2 PO4 D . 5.82 -1.38 21.82
O3 PO4 D . 8.04 -1.13 22.13
O4 PO4 D . 6.67 -1.83 23.78
P PO4 E . 19.79 -2.10 16.83
O1 PO4 E . 20.09 -1.78 18.09
O2 PO4 E . 19.24 -1.14 16.09
O3 PO4 E . 21.00 -2.20 16.28
O4 PO4 E . 19.30 -3.33 16.64
P PO4 F . -3.62 20.47 21.56
O1 PO4 F . -4.36 20.93 22.65
O2 PO4 F . -3.04 21.51 20.88
O3 PO4 F . -2.56 19.69 22.08
O4 PO4 F . -4.45 19.69 20.66
P PO4 G . -3.40 20.90 17.47
O1 PO4 G . -2.90 21.80 18.34
O2 PO4 G . -2.52 20.69 16.42
O3 PO4 G . -3.51 19.71 18.17
O4 PO4 G . -4.59 21.30 17.00
P PO4 H . 2.21 -18.53 -9.12
O1 PO4 H . 1.26 -17.78 -8.33
O2 PO4 H . 3.14 -17.61 -9.67
O3 PO4 H . 2.85 -19.46 -8.26
O4 PO4 H . 1.53 -19.25 -10.18
P PO4 I . 24.47 -7.63 -5.53
O1 PO4 I . 24.33 -6.28 -5.01
O2 PO4 I . 24.57 -7.74 -6.96
O3 PO4 I . 25.69 -8.14 -4.87
O4 PO4 I . 23.22 -8.27 -5.22
#